data_8JM1
#
_entry.id   8JM1
#
_cell.length_a   49.711
_cell.length_b   91.485
_cell.length_c   131.370
_cell.angle_alpha   90.00
_cell.angle_beta   90.00
_cell.angle_gamma   90.00
#
_symmetry.space_group_name_H-M   'P 21 21 21'
#
loop_
_entity.id
_entity.type
_entity.pdbx_description
1 polymer '(R)-mandelonitrile lyase'
2 non-polymer 2-acetamido-2-deoxy-beta-D-glucopyranose
3 non-polymer 2,2-dimethyl-4H-1,3-benzodioxine-6-carbaldehyde
4 non-polymer 'FLAVIN-ADENINE DINUCLEOTIDE'
5 non-polymer 1,2-ETHANEDIOL
6 non-polymer DI(HYDROXYETHYL)ETHER
7 non-polymer BICINE
8 water water
#
_entity_poly.entity_id   1
_entity_poly.type   'polypeptide(L)'
_entity_poly.pdbx_seq_one_letter_code
;IDHHHHHHLANTSAHDFSYLKFVYNATDTSLEGSYDYIVIGGGTSGCPLAATLSEKYKVLLLERGTIATEYPNTLTADGF
AYNLQQQDDGKTPVERFVSEDGIDNVRARILGGTTIINAGVYARANISFYSQTGIEWDLDLVNKTYEWVEDAIVVKPNNQ
SWQSVIGEGFLEAGILPDNGFSLDHEAGTRLTGSTFDNNGTRHAADELLNKGDPNNLLVAVQASVEKILFSSNTSNLSAI
GVIYTDSDGNSHQAFVRGNGEVIVSAGTIGTPQLLLLSGVGPESYLSSLNITVVQPNPYVGQFVYDNPRNFINILPPNPI
EASVVTVLGIRSDYYQVSASSLPFSTPPFSLFPTTSYPLPNSTFAHIVSQVPGPLSHGSVTLNSSSDVRIAPNIKFNYYS
NSTDLANCVSGMKKLGDLLRTKALEPYKARDVLGIDGFNYLGVPLPENQTDDASFETFCLDNVASYWHYHGGSLVGKVLD
DSFRVMGIKALRVVDASTFPYEPNSHPQGFYLMLGRYVGLQILQERSIRLEAIHNIQESM
;
_entity_poly.pdbx_strand_id   A
#
# COMPACT_ATOMS: atom_id res chain seq x y z
N HIS A 8 24.05 -4.46 2.00
CA HIS A 8 23.09 -4.15 0.93
C HIS A 8 22.00 -3.17 1.38
N LEU A 9 22.37 -2.14 2.12
CA LEU A 9 21.41 -1.17 2.64
C LEU A 9 21.83 0.24 2.29
N ALA A 10 20.86 1.16 2.32
CA ALA A 10 21.09 2.54 1.93
C ALA A 10 21.67 3.35 3.08
N ASN A 11 22.20 4.53 2.73
CA ASN A 11 22.76 5.47 3.70
C ASN A 11 21.73 6.51 4.11
N THR A 12 22.07 7.27 5.15
CA THR A 12 21.39 8.53 5.42
C THR A 12 21.73 9.55 4.34
N SER A 13 20.71 10.16 3.76
CA SER A 13 20.95 11.22 2.77
C SER A 13 19.62 11.89 2.45
N ALA A 14 19.73 13.01 1.73
CA ALA A 14 18.54 13.75 1.34
C ALA A 14 17.72 12.94 0.34
N HIS A 15 16.43 13.18 0.33
CA HIS A 15 15.58 12.65 -0.71
C HIS A 15 16.10 13.10 -2.06
N ASP A 16 16.42 12.14 -2.93
CA ASP A 16 17.02 12.43 -4.22
C ASP A 16 15.93 12.76 -5.24
N PHE A 17 15.81 14.04 -5.59
CA PHE A 17 14.88 14.51 -6.62
C PHE A 17 15.53 14.74 -7.99
N SER A 18 16.67 14.11 -8.27
CA SER A 18 17.31 14.33 -9.58
C SER A 18 16.37 14.03 -10.73
N TYR A 19 15.52 13.01 -10.57
CA TYR A 19 14.64 12.56 -11.66
C TYR A 19 13.71 13.67 -12.16
N LEU A 20 13.49 14.74 -11.39
CA LEU A 20 12.64 15.84 -11.82
C LEU A 20 13.05 16.43 -13.17
N LYS A 21 14.32 16.23 -13.57
CA LYS A 21 14.76 16.72 -14.87
C LYS A 21 14.03 16.05 -16.03
N PHE A 22 13.34 14.93 -15.80
CA PHE A 22 12.52 14.36 -16.86
C PHE A 22 11.05 14.22 -16.42
N VAL A 23 10.60 15.09 -15.52
CA VAL A 23 9.21 15.13 -15.08
C VAL A 23 8.55 16.36 -15.68
N TYR A 24 7.38 16.17 -16.31
CA TYR A 24 6.70 17.21 -17.07
C TYR A 24 5.22 17.30 -16.71
N ASN A 25 4.70 18.52 -16.76
CA ASN A 25 3.26 18.77 -16.66
C ASN A 25 2.52 18.12 -17.82
N ALA A 26 1.44 17.39 -17.51
CA ALA A 26 0.64 16.75 -18.57
C ALA A 26 -0.03 17.75 -19.52
N THR A 27 -0.07 19.05 -19.19
CA THR A 27 -0.51 20.05 -20.16
C THR A 27 0.38 20.11 -21.40
N ASP A 28 1.59 19.59 -21.31
CA ASP A 28 2.57 19.64 -22.40
C ASP A 28 2.20 18.64 -23.50
N THR A 29 1.66 19.13 -24.61
CA THR A 29 1.19 18.25 -25.68
C THR A 29 2.34 17.58 -26.43
N SER A 30 3.58 18.01 -26.25
CA SER A 30 4.69 17.32 -26.91
C SER A 30 4.95 15.94 -26.30
N LEU A 31 4.32 15.65 -25.14
CA LEU A 31 4.38 14.30 -24.57
C LEU A 31 3.53 13.30 -25.34
N GLU A 32 2.53 13.78 -26.07
CA GLU A 32 1.69 12.89 -26.87
C GLU A 32 2.51 12.30 -28.01
N GLY A 33 2.25 11.05 -28.31
CA GLY A 33 2.96 10.36 -29.37
C GLY A 33 3.06 8.89 -29.03
N SER A 34 4.08 8.25 -29.60
CA SER A 34 4.25 6.81 -29.51
C SER A 34 5.44 6.46 -28.62
N TYR A 35 5.25 5.45 -27.78
CA TYR A 35 6.26 4.95 -26.86
C TYR A 35 6.33 3.44 -26.99
N ASP A 36 7.38 2.88 -26.38
CA ASP A 36 7.45 1.43 -26.30
C ASP A 36 6.58 0.91 -25.16
N TYR A 37 6.57 1.63 -24.02
CA TYR A 37 5.77 1.23 -22.87
C TYR A 37 5.11 2.46 -22.29
N ILE A 38 3.86 2.27 -21.85
CA ILE A 38 3.13 3.25 -21.06
C ILE A 38 2.81 2.60 -19.72
N VAL A 39 3.22 3.27 -18.64
CA VAL A 39 2.93 2.82 -17.28
C VAL A 39 1.95 3.80 -16.64
N ILE A 40 0.81 3.29 -16.19
CA ILE A 40 -0.28 4.09 -15.62
C ILE A 40 -0.20 4.02 -14.10
N GLY A 41 0.20 5.12 -13.48
CA GLY A 41 0.31 5.16 -12.04
C GLY A 41 1.76 5.19 -11.59
N GLY A 42 2.22 6.33 -11.14
CA GLY A 42 3.59 6.41 -10.70
C GLY A 42 3.74 6.06 -9.24
N GLY A 43 3.36 4.84 -8.84
CA GLY A 43 3.33 4.47 -7.44
C GLY A 43 4.38 3.46 -7.04
N THR A 44 4.06 2.67 -6.01
CA THR A 44 4.95 1.69 -5.43
C THR A 44 5.50 0.74 -6.49
N SER A 45 4.61 0.11 -7.27
CA SER A 45 5.09 -0.76 -8.35
C SER A 45 5.44 0.01 -9.61
N GLY A 46 4.68 1.06 -9.94
CA GLY A 46 4.85 1.69 -11.24
C GLY A 46 6.19 2.39 -11.42
N CYS A 47 6.71 3.02 -10.35
CA CYS A 47 7.98 3.73 -10.47
C CYS A 47 9.12 2.78 -10.77
N PRO A 48 9.37 1.72 -9.98
CA PRO A 48 10.44 0.76 -10.34
C PRO A 48 10.18 0.11 -11.67
N LEU A 49 8.93 -0.13 -12.04
CA LEU A 49 8.66 -0.80 -13.31
C LEU A 49 9.06 0.10 -14.48
N ALA A 50 8.70 1.38 -14.43
CA ALA A 50 9.06 2.31 -15.50
C ALA A 50 10.57 2.54 -15.56
N ALA A 51 11.23 2.74 -14.42
CA ALA A 51 12.68 2.90 -14.44
C ALA A 51 13.33 1.69 -15.09
N THR A 52 12.90 0.48 -14.70
CA THR A 52 13.48 -0.74 -15.24
C THR A 52 13.30 -0.80 -16.76
N LEU A 53 12.09 -0.56 -17.25
CA LEU A 53 11.86 -0.66 -18.68
C LEU A 53 12.69 0.38 -19.44
N SER A 54 12.96 1.53 -18.83
CA SER A 54 13.67 2.60 -19.53
C SER A 54 15.16 2.30 -19.75
N GLU A 55 15.69 1.20 -19.20
CA GLU A 55 17.07 0.82 -19.47
C GLU A 55 17.28 0.52 -20.96
N LYS A 56 16.23 0.02 -21.64
CA LYS A 56 16.27 -0.43 -23.02
C LYS A 56 15.30 0.29 -23.95
N TYR A 57 14.19 0.83 -23.44
CA TYR A 57 13.06 1.27 -24.26
C TYR A 57 12.55 2.63 -23.81
N LYS A 58 11.75 3.24 -24.70
CA LYS A 58 11.11 4.52 -24.45
C LYS A 58 9.84 4.32 -23.61
N VAL A 59 9.81 4.91 -22.42
CA VAL A 59 8.74 4.73 -21.46
C VAL A 59 8.07 6.07 -21.18
N LEU A 60 6.74 6.07 -21.16
CA LEU A 60 5.98 7.20 -20.62
C LEU A 60 5.32 6.76 -19.30
N LEU A 61 5.60 7.48 -18.22
CA LEU A 61 4.97 7.22 -16.93
C LEU A 61 3.95 8.32 -16.66
N LEU A 62 2.71 7.94 -16.36
CA LEU A 62 1.59 8.87 -16.20
C LEU A 62 1.11 8.77 -14.76
N GLU A 63 1.07 9.91 -14.04
CA GLU A 63 0.66 9.93 -12.65
C GLU A 63 -0.33 11.06 -12.42
N ARG A 64 -1.49 10.77 -11.79
CA ARG A 64 -2.55 11.76 -11.64
C ARG A 64 -2.16 12.84 -10.63
N GLY A 65 -1.39 12.47 -9.58
CA GLY A 65 -0.95 13.45 -8.59
C GLY A 65 0.22 14.32 -9.07
N THR A 66 0.61 15.25 -8.22
CA THR A 66 1.76 16.11 -8.51
C THR A 66 3.02 15.54 -7.84
N ILE A 67 4.08 16.37 -7.70
CA ILE A 67 5.38 15.93 -7.21
C ILE A 67 5.47 16.20 -5.70
N ALA A 68 6.22 15.34 -4.99
CA ALA A 68 6.20 15.39 -3.54
C ALA A 68 6.83 16.67 -2.99
N THR A 69 7.64 17.37 -3.79
CA THR A 69 8.17 18.65 -3.30
C THR A 69 7.06 19.64 -3.03
N GLU A 70 5.90 19.48 -3.67
CA GLU A 70 4.78 20.40 -3.42
C GLU A 70 4.22 20.28 -2.01
N TYR A 71 4.52 19.18 -1.31
CA TYR A 71 3.94 18.86 -0.01
C TYR A 71 5.07 18.35 0.87
N PRO A 72 5.84 19.26 1.48
CA PRO A 72 7.07 18.84 2.16
C PRO A 72 6.85 17.94 3.34
N ASN A 73 5.66 17.94 3.95
CA ASN A 73 5.45 17.03 5.06
C ASN A 73 5.42 15.56 4.67
N THR A 74 5.44 15.25 3.37
CA THR A 74 5.59 13.87 2.92
C THR A 74 7.04 13.38 2.98
N LEU A 75 7.98 14.25 3.35
CA LEU A 75 9.39 13.94 3.19
C LEU A 75 10.09 13.63 4.52
N THR A 76 9.35 13.61 5.64
CA THR A 76 9.93 13.34 6.95
C THR A 76 9.05 12.35 7.69
N ALA A 77 9.64 11.67 8.67
CA ALA A 77 8.84 10.84 9.57
C ALA A 77 7.89 11.72 10.36
N ASP A 78 8.36 12.91 10.75
CA ASP A 78 7.55 13.84 11.55
C ASP A 78 6.25 14.21 10.86
N GLY A 79 6.26 14.28 9.53
CA GLY A 79 5.08 14.73 8.82
C GLY A 79 4.01 13.69 8.62
N PHE A 80 4.25 12.44 9.03
CA PHE A 80 3.31 11.36 8.70
C PHE A 80 1.88 11.75 9.04
N ALA A 81 1.66 12.24 10.26
CA ALA A 81 0.31 12.57 10.70
C ALA A 81 -0.26 13.74 9.91
N TYR A 82 0.56 14.77 9.65
CA TYR A 82 0.12 15.98 8.96
C TYR A 82 -0.65 15.64 7.68
N ASN A 83 -0.11 14.71 6.87
CA ASN A 83 -0.73 14.43 5.58
C ASN A 83 -2.11 13.82 5.73
N LEU A 84 -2.32 13.04 6.81
CA LEU A 84 -3.63 12.47 7.12
C LEU A 84 -4.57 13.49 7.77
N GLN A 85 -3.99 14.46 8.48
CA GLN A 85 -4.78 15.54 9.10
C GLN A 85 -5.25 16.55 8.07
N GLN A 86 -4.44 16.80 7.03
CA GLN A 86 -4.75 17.77 5.98
C GLN A 86 -6.07 17.43 5.30
N GLN A 87 -6.90 18.45 5.04
CA GLN A 87 -8.15 18.25 4.31
C GLN A 87 -7.88 17.83 2.87
N ASP A 88 -8.77 17.03 2.30
CA ASP A 88 -8.64 16.56 0.91
C ASP A 88 -9.35 17.54 -0.03
N ASP A 89 -8.56 18.37 -0.71
CA ASP A 89 -9.09 19.33 -1.67
C ASP A 89 -9.01 18.85 -3.12
N GLY A 90 -8.68 17.58 -3.36
CA GLY A 90 -8.57 17.03 -4.69
C GLY A 90 -7.19 17.10 -5.29
N LYS A 91 -6.26 17.82 -4.65
CA LYS A 91 -4.88 17.97 -5.10
C LYS A 91 -3.88 17.38 -4.11
N THR A 92 -4.32 17.12 -2.88
CA THR A 92 -3.42 16.71 -1.82
C THR A 92 -2.87 15.31 -2.09
N PRO A 93 -1.74 14.98 -1.47
CA PRO A 93 -1.18 13.62 -1.63
C PRO A 93 -2.04 12.54 -1.02
N VAL A 94 -2.90 12.86 -0.07
CA VAL A 94 -3.77 11.88 0.57
C VAL A 94 -5.19 12.08 0.02
N GLU A 95 -5.73 11.05 -0.60
CA GLU A 95 -7.13 11.05 -1.00
C GLU A 95 -7.92 10.26 0.04
N ARG A 96 -8.94 10.90 0.60
CA ARG A 96 -9.79 10.29 1.61
C ARG A 96 -10.90 9.47 0.95
N PHE A 97 -11.29 8.36 1.59
CA PHE A 97 -12.48 7.63 1.17
C PHE A 97 -13.04 6.86 2.36
N VAL A 98 -14.29 6.40 2.21
CA VAL A 98 -14.98 5.58 3.20
C VAL A 98 -15.50 4.33 2.50
N SER A 99 -15.14 3.16 3.01
CA SER A 99 -15.71 1.96 2.40
C SER A 99 -17.22 1.91 2.65
N GLU A 100 -17.92 1.14 1.84
CA GLU A 100 -19.33 0.96 2.09
C GLU A 100 -19.60 0.26 3.42
N ASP A 101 -18.58 -0.36 4.03
CA ASP A 101 -18.68 -0.85 5.40
C ASP A 101 -18.73 0.26 6.42
N GLY A 102 -18.47 1.52 6.03
CA GLY A 102 -18.41 2.63 6.97
C GLY A 102 -17.06 2.88 7.63
N ILE A 103 -15.97 2.37 7.06
CA ILE A 103 -14.64 2.49 7.66
C ILE A 103 -13.85 3.50 6.85
N ASP A 104 -13.40 4.58 7.54
CA ASP A 104 -12.55 5.59 6.92
C ASP A 104 -11.23 4.99 6.41
N ASN A 105 -10.68 5.58 5.35
CA ASN A 105 -9.51 5.01 4.68
C ASN A 105 -8.86 6.09 3.82
N VAL A 106 -7.66 5.80 3.30
CA VAL A 106 -6.96 6.72 2.40
C VAL A 106 -6.20 5.96 1.33
N ARG A 107 -5.93 6.66 0.23
CA ARG A 107 -4.98 6.20 -0.79
C ARG A 107 -4.18 7.40 -1.27
N ALA A 108 -3.06 7.10 -1.94
CA ALA A 108 -2.14 8.15 -2.33
C ALA A 108 -2.56 8.76 -3.68
N ARG A 109 -2.22 10.06 -3.84
CA ARG A 109 -2.41 10.83 -5.06
C ARG A 109 -1.14 11.68 -5.22
N ILE A 110 -0.04 11.08 -5.72
CA ILE A 110 1.27 11.72 -5.69
C ILE A 110 2.29 10.83 -6.40
N LEU A 111 3.30 11.45 -7.02
CA LEU A 111 4.36 10.71 -7.70
C LEU A 111 5.25 10.00 -6.68
N GLY A 112 5.28 8.67 -6.76
CA GLY A 112 5.77 7.81 -5.70
C GLY A 112 4.66 7.02 -5.03
N GLY A 113 3.42 7.44 -5.21
CA GLY A 113 2.30 6.63 -4.76
C GLY A 113 2.27 6.55 -3.26
N THR A 114 1.88 5.39 -2.77
CA THR A 114 1.65 5.24 -1.33
C THR A 114 2.94 5.21 -0.52
N THR A 115 4.10 4.98 -1.15
CA THR A 115 5.36 5.05 -0.41
C THR A 115 5.69 6.47 0.01
N ILE A 116 4.99 7.48 -0.52
CA ILE A 116 5.20 8.87 -0.12
C ILE A 116 4.37 9.25 1.10
N ILE A 117 3.39 8.42 1.49
CA ILE A 117 2.51 8.75 2.60
C ILE A 117 2.47 7.68 3.69
N ASN A 118 3.23 6.58 3.56
CA ASN A 118 3.01 5.44 4.42
C ASN A 118 3.93 5.49 5.65
N ALA A 119 3.81 4.49 6.50
CA ALA A 119 4.47 4.49 7.79
C ALA A 119 5.90 3.93 7.72
N GLY A 120 6.41 3.64 6.51
CA GLY A 120 7.82 3.39 6.30
C GLY A 120 8.31 1.97 6.57
N VAL A 121 7.45 1.07 7.05
CA VAL A 121 7.92 -0.25 7.48
C VAL A 121 8.31 -1.08 6.26
N TYR A 122 9.53 -1.59 6.26
CA TYR A 122 10.00 -2.41 5.15
C TYR A 122 10.22 -3.86 5.58
N ALA A 123 9.67 -4.79 4.79
CA ALA A 123 9.83 -6.21 5.02
C ALA A 123 9.75 -6.95 3.70
N ARG A 124 10.49 -8.05 3.58
CA ARG A 124 10.39 -8.93 2.41
C ARG A 124 9.23 -9.90 2.57
N ALA A 125 8.76 -10.44 1.44
CA ALA A 125 7.70 -11.43 1.47
C ALA A 125 8.12 -12.67 2.24
N ASN A 126 7.21 -13.19 3.06
CA ASN A 126 7.24 -14.56 3.58
C ASN A 126 7.80 -15.48 2.49
N ILE A 127 8.89 -16.22 2.77
CA ILE A 127 9.54 -16.98 1.70
C ILE A 127 8.66 -18.14 1.19
N SER A 128 7.63 -18.53 1.94
CA SER A 128 6.69 -19.53 1.43
C SER A 128 5.69 -18.93 0.46
N PHE A 129 5.63 -17.62 0.36
CA PHE A 129 4.58 -17.01 -0.44
C PHE A 129 4.70 -17.42 -1.91
N TYR A 130 5.94 -17.55 -2.40
CA TYR A 130 6.14 -17.81 -3.83
C TYR A 130 5.58 -19.16 -4.26
N SER A 131 5.91 -20.25 -3.54
CA SER A 131 5.36 -21.53 -3.97
C SER A 131 3.85 -21.58 -3.76
N GLN A 132 3.35 -20.90 -2.72
CA GLN A 132 1.91 -20.81 -2.50
C GLN A 132 1.18 -20.22 -3.70
N THR A 133 1.77 -19.22 -4.37
CA THR A 133 1.11 -18.66 -5.57
C THR A 133 1.04 -19.66 -6.72
N GLY A 134 2.06 -20.52 -6.88
CA GLY A 134 2.12 -21.36 -8.06
C GLY A 134 2.68 -20.67 -9.30
N ILE A 135 3.13 -19.43 -9.19
CA ILE A 135 3.84 -18.77 -10.27
C ILE A 135 5.25 -19.32 -10.36
N GLU A 136 5.78 -19.47 -11.58
CA GLU A 136 7.14 -19.95 -11.76
C GLU A 136 8.11 -18.78 -11.59
N TRP A 137 8.25 -18.36 -10.34
CA TRP A 137 9.14 -17.26 -10.01
C TRP A 137 10.59 -17.63 -10.30
N ASP A 138 11.36 -16.64 -10.75
CA ASP A 138 12.83 -16.74 -10.78
C ASP A 138 13.29 -16.26 -9.41
N LEU A 139 13.52 -17.20 -8.49
CA LEU A 139 13.68 -16.84 -7.09
C LEU A 139 15.00 -16.11 -6.85
N ASP A 140 16.06 -16.50 -7.53
CA ASP A 140 17.32 -15.77 -7.43
C ASP A 140 17.14 -14.32 -7.90
N LEU A 141 16.44 -14.12 -9.03
CA LEU A 141 16.18 -12.76 -9.51
C LEU A 141 15.36 -11.96 -8.50
N VAL A 142 14.36 -12.59 -7.88
CA VAL A 142 13.58 -11.93 -6.84
C VAL A 142 14.51 -11.34 -5.78
N ASN A 143 15.48 -12.14 -5.33
CA ASN A 143 16.32 -11.69 -4.22
C ASN A 143 17.26 -10.57 -4.65
N LYS A 144 17.79 -10.65 -5.89
CA LYS A 144 18.62 -9.57 -6.40
C LYS A 144 17.83 -8.28 -6.56
N THR A 145 16.54 -8.40 -6.90
CA THR A 145 15.67 -7.22 -7.02
C THR A 145 15.37 -6.60 -5.66
N TYR A 146 15.12 -7.44 -4.63
CA TYR A 146 15.01 -6.90 -3.27
C TYR A 146 16.24 -6.07 -2.90
N GLU A 147 17.44 -6.59 -3.19
CA GLU A 147 18.68 -5.87 -2.84
C GLU A 147 18.79 -4.56 -3.61
N TRP A 148 18.31 -4.53 -4.85
CA TRP A 148 18.33 -3.30 -5.64
C TRP A 148 17.46 -2.23 -4.99
N VAL A 149 16.26 -2.60 -4.56
CA VAL A 149 15.42 -1.67 -3.80
C VAL A 149 16.11 -1.27 -2.50
N GLU A 150 16.49 -2.26 -1.69
CA GLU A 150 17.00 -1.98 -0.35
C GLU A 150 18.25 -1.12 -0.39
N ASP A 151 19.17 -1.41 -1.33
CA ASP A 151 20.36 -0.60 -1.51
C ASP A 151 20.02 0.87 -1.73
N ALA A 152 18.87 1.14 -2.33
CA ALA A 152 18.50 2.50 -2.67
C ALA A 152 17.77 3.21 -1.52
N ILE A 153 16.83 2.55 -0.84
CA ILE A 153 15.92 3.31 0.01
C ILE A 153 15.67 2.73 1.42
N VAL A 154 16.22 1.56 1.73
CA VAL A 154 15.97 0.91 3.02
C VAL A 154 17.19 1.07 3.93
N VAL A 155 16.95 1.33 5.23
CA VAL A 155 18.02 1.37 6.23
C VAL A 155 17.70 0.47 7.41
N LYS A 156 18.76 0.17 8.18
CA LYS A 156 18.62 -0.36 9.53
C LYS A 156 18.28 0.78 10.47
N PRO A 157 17.13 0.77 11.13
CA PRO A 157 16.76 1.90 11.99
C PRO A 157 17.57 1.91 13.27
N ASN A 158 17.70 3.09 13.85
CA ASN A 158 18.31 3.29 15.15
C ASN A 158 17.32 2.93 16.25
N ASN A 159 17.83 2.84 17.49
CA ASN A 159 16.98 2.49 18.62
C ASN A 159 15.95 3.59 18.79
N GLN A 160 14.77 3.20 19.22
CA GLN A 160 13.74 4.11 19.68
C GLN A 160 13.17 3.50 20.94
N SER A 161 13.05 4.28 22.01
CA SER A 161 12.83 3.68 23.32
C SER A 161 11.51 2.89 23.35
N TRP A 162 10.44 3.45 22.77
CA TRP A 162 9.15 2.77 22.79
C TRP A 162 9.18 1.47 21.99
N GLN A 163 9.79 1.51 20.80
CA GLN A 163 9.92 0.29 20.01
C GLN A 163 10.66 -0.79 20.76
N SER A 164 11.68 -0.41 21.53
CA SER A 164 12.42 -1.37 22.34
C SER A 164 11.56 -1.91 23.46
N VAL A 165 10.76 -1.05 24.10
CA VAL A 165 9.83 -1.53 25.12
C VAL A 165 8.91 -2.59 24.52
N ILE A 166 8.29 -2.25 23.39
CA ILE A 166 7.32 -3.14 22.75
C ILE A 166 7.99 -4.45 22.32
N GLY A 167 9.26 -4.39 21.89
CA GLY A 167 9.95 -5.60 21.50
C GLY A 167 10.23 -6.50 22.69
N GLU A 168 10.56 -5.90 23.83
CA GLU A 168 10.75 -6.69 25.04
C GLU A 168 9.44 -7.31 25.48
N GLY A 169 8.32 -6.59 25.29
CA GLY A 169 7.02 -7.12 25.68
C GLY A 169 6.57 -8.27 24.79
N PHE A 170 6.71 -8.12 23.47
CA PHE A 170 6.38 -9.20 22.55
C PHE A 170 7.09 -10.47 22.98
N LEU A 171 8.39 -10.36 23.29
CA LEU A 171 9.19 -11.53 23.69
C LEU A 171 8.67 -12.12 24.99
N GLU A 172 8.48 -11.26 26.00
CA GLU A 172 7.93 -11.69 27.28
C GLU A 172 6.57 -12.34 27.11
N ALA A 173 5.76 -11.84 26.17
CA ALA A 173 4.44 -12.39 25.96
C ALA A 173 4.45 -13.66 25.11
N GLY A 174 5.62 -14.13 24.71
CA GLY A 174 5.75 -15.42 24.05
C GLY A 174 5.75 -15.37 22.54
N ILE A 175 5.98 -14.20 21.95
CA ILE A 175 6.12 -14.10 20.49
C ILE A 175 7.60 -14.33 20.19
N LEU A 176 7.96 -15.60 20.06
CA LEU A 176 9.33 -16.05 19.96
C LEU A 176 9.55 -16.72 18.61
N PRO A 177 10.80 -16.84 18.16
CA PRO A 177 12.00 -16.40 18.86
C PRO A 177 12.33 -14.92 18.68
N ASP A 178 13.44 -14.52 19.26
CA ASP A 178 14.05 -13.21 19.06
C ASP A 178 14.86 -13.27 17.77
N ASN A 179 14.41 -12.57 16.74
CA ASN A 179 15.11 -12.63 15.45
C ASN A 179 16.12 -11.51 15.26
N GLY A 180 16.34 -10.65 16.24
CA GLY A 180 17.30 -9.57 16.07
C GLY A 180 16.84 -8.63 14.98
N PHE A 181 17.79 -8.15 14.17
CA PHE A 181 17.49 -7.33 13.01
C PHE A 181 17.40 -8.19 11.76
N SER A 182 16.25 -8.12 11.08
CA SER A 182 16.03 -8.94 9.90
C SER A 182 14.90 -8.34 9.06
N LEU A 183 15.10 -8.38 7.74
CA LEU A 183 14.07 -7.93 6.81
C LEU A 183 13.03 -9.00 6.52
N ASP A 184 13.24 -10.24 6.97
CA ASP A 184 12.39 -11.35 6.58
C ASP A 184 11.16 -11.49 7.46
N HIS A 185 10.04 -11.84 6.82
CA HIS A 185 8.79 -12.10 7.52
C HIS A 185 8.83 -13.52 8.08
N GLU A 186 9.08 -13.63 9.38
CA GLU A 186 9.29 -14.89 10.08
C GLU A 186 8.61 -14.79 11.43
N ALA A 187 8.18 -15.94 11.96
CA ALA A 187 7.61 -15.97 13.29
C ALA A 187 8.64 -15.46 14.29
N GLY A 188 8.17 -14.74 15.29
CA GLY A 188 9.00 -14.17 16.32
C GLY A 188 8.96 -12.65 16.29
N THR A 189 9.85 -12.06 17.09
CA THR A 189 9.92 -10.63 17.29
C THR A 189 11.19 -10.12 16.63
N ARG A 190 11.11 -9.00 15.93
CA ARG A 190 12.31 -8.51 15.26
C ARG A 190 12.25 -7.00 15.06
N LEU A 191 13.45 -6.43 14.84
CA LEU A 191 13.60 -5.13 14.22
C LEU A 191 13.71 -5.33 12.71
N THR A 192 12.86 -4.64 11.94
CA THR A 192 12.85 -4.75 10.49
C THR A 192 13.38 -3.45 9.87
N GLY A 193 13.42 -3.42 8.54
CA GLY A 193 13.90 -2.23 7.84
C GLY A 193 12.90 -1.10 7.83
N SER A 194 13.37 0.09 7.44
CA SER A 194 12.51 1.25 7.30
C SER A 194 12.92 2.08 6.09
N THR A 195 11.93 2.71 5.45
CA THR A 195 12.21 3.67 4.39
C THR A 195 12.28 5.11 4.90
N PHE A 196 12.12 5.34 6.20
CA PHE A 196 12.66 6.55 6.83
C PHE A 196 14.10 6.26 7.21
N ASP A 197 15.03 7.17 6.88
CA ASP A 197 16.40 6.91 7.27
C ASP A 197 16.63 7.40 8.70
N ASN A 198 17.86 7.27 9.20
CA ASN A 198 18.14 7.51 10.62
C ASN A 198 18.09 8.98 10.99
N ASN A 199 18.03 9.85 10.00
CA ASN A 199 17.84 11.28 10.10
C ASN A 199 16.36 11.68 10.01
N GLY A 200 15.45 10.71 9.84
CA GLY A 200 14.04 10.98 9.68
C GLY A 200 13.60 11.37 8.28
N THR A 201 14.49 11.36 7.29
CA THR A 201 14.13 11.70 5.91
C THR A 201 13.46 10.52 5.24
N ARG A 202 12.32 10.77 4.59
CA ARG A 202 11.59 9.71 3.92
C ARG A 202 12.22 9.38 2.57
N HIS A 203 12.40 8.10 2.29
CA HIS A 203 12.79 7.65 0.97
C HIS A 203 11.64 6.83 0.39
N ALA A 204 11.48 6.86 -0.93
CA ALA A 204 10.23 6.36 -1.51
C ALA A 204 10.47 5.84 -2.92
N ALA A 205 9.40 5.30 -3.51
CA ALA A 205 9.50 4.70 -4.83
C ALA A 205 9.89 5.72 -5.90
N ASP A 206 9.57 7.00 -5.70
CA ASP A 206 9.92 8.00 -6.70
C ASP A 206 11.43 8.03 -6.91
N GLU A 207 12.21 7.76 -5.86
CA GLU A 207 13.66 7.82 -5.97
C GLU A 207 14.21 6.71 -6.85
N LEU A 208 13.46 5.61 -7.02
CA LEU A 208 13.89 4.58 -7.95
C LEU A 208 13.79 5.04 -9.41
N LEU A 209 13.06 6.14 -9.68
CA LEU A 209 13.09 6.77 -11.00
C LEU A 209 14.50 7.23 -11.34
N ASN A 210 15.30 7.55 -10.31
CA ASN A 210 16.69 7.93 -10.53
C ASN A 210 17.49 6.79 -11.13
N LYS A 211 17.04 5.54 -11.04
CA LYS A 211 17.77 4.45 -11.67
C LYS A 211 17.37 4.24 -13.13
N GLY A 212 16.38 4.96 -13.65
CA GLY A 212 16.06 4.89 -15.06
C GLY A 212 17.02 5.70 -15.92
N ASP A 213 16.99 5.41 -17.20
CA ASP A 213 17.83 6.09 -18.18
C ASP A 213 17.21 7.45 -18.53
N PRO A 214 17.87 8.57 -18.23
CA PRO A 214 17.21 9.87 -18.46
C PRO A 214 16.94 10.17 -19.92
N ASN A 215 17.51 9.41 -20.86
CA ASN A 215 17.21 9.60 -22.28
C ASN A 215 16.01 8.81 -22.74
N ASN A 216 15.50 7.89 -21.93
CA ASN A 216 14.42 7.03 -22.38
C ASN A 216 13.14 7.18 -21.59
N LEU A 217 13.19 7.77 -20.40
CA LEU A 217 12.07 7.80 -19.46
C LEU A 217 11.50 9.21 -19.40
N LEU A 218 10.21 9.34 -19.62
CA LEU A 218 9.51 10.61 -19.44
C LEU A 218 8.39 10.42 -18.44
N VAL A 219 8.20 11.38 -17.55
CA VAL A 219 7.17 11.32 -16.52
C VAL A 219 6.24 12.50 -16.71
N ALA A 220 4.93 12.23 -16.80
CA ALA A 220 3.90 13.25 -16.82
C ALA A 220 3.11 13.23 -15.52
N VAL A 221 3.04 14.37 -14.83
CA VAL A 221 2.33 14.47 -13.56
C VAL A 221 1.05 15.26 -13.76
N GLN A 222 0.13 15.09 -12.81
CA GLN A 222 -1.23 15.61 -12.96
C GLN A 222 -1.79 15.16 -14.31
N ALA A 223 -1.52 13.88 -14.63
CA ALA A 223 -2.04 13.20 -15.81
C ALA A 223 -3.05 12.17 -15.32
N SER A 224 -4.33 12.43 -15.55
CA SER A 224 -5.38 11.57 -15.04
C SER A 224 -5.84 10.66 -16.18
N VAL A 225 -5.46 9.39 -16.13
CA VAL A 225 -5.72 8.45 -17.23
C VAL A 225 -7.16 7.98 -17.14
N GLU A 226 -7.93 8.24 -18.20
CA GLU A 226 -9.38 8.09 -18.24
C GLU A 226 -9.81 6.83 -18.95
N LYS A 227 -9.04 6.36 -19.92
CA LYS A 227 -9.44 5.27 -20.78
C LYS A 227 -8.20 4.58 -21.34
N ILE A 228 -8.25 3.26 -21.42
CA ILE A 228 -7.31 2.47 -22.21
C ILE A 228 -7.89 2.29 -23.60
N LEU A 229 -7.05 2.49 -24.62
CA LEU A 229 -7.46 2.43 -26.02
C LEU A 229 -7.09 1.07 -26.58
N PHE A 230 -7.95 0.52 -27.44
CA PHE A 230 -7.77 -0.81 -27.99
C PHE A 230 -7.84 -0.79 -29.52
N SER A 231 -7.25 -1.83 -30.13
CA SER A 231 -7.33 -2.01 -31.58
C SER A 231 -8.74 -2.46 -32.00
N SER A 232 -9.03 -2.29 -33.29
CA SER A 232 -10.35 -2.55 -33.85
C SER A 232 -10.55 -3.99 -34.29
N ASN A 233 -9.52 -4.64 -34.83
CA ASN A 233 -9.53 -6.03 -35.27
C ASN A 233 -10.54 -6.94 -34.54
N ASN A 236 -7.84 -10.33 -32.90
CA ASN A 236 -6.58 -9.92 -32.28
C ASN A 236 -6.74 -8.64 -31.46
N LEU A 237 -7.34 -8.75 -30.27
CA LEU A 237 -7.59 -7.58 -29.44
C LEU A 237 -6.32 -7.18 -28.70
N SER A 238 -5.90 -5.93 -28.87
CA SER A 238 -4.70 -5.41 -28.26
C SER A 238 -4.98 -4.06 -27.61
N ALA A 239 -4.25 -3.77 -26.53
CA ALA A 239 -4.21 -2.41 -26.03
C ALA A 239 -3.24 -1.62 -26.89
N ILE A 240 -3.57 -0.40 -27.24
CA ILE A 240 -2.70 0.40 -28.08
C ILE A 240 -2.32 1.73 -27.46
N GLY A 241 -3.01 2.19 -26.41
CA GLY A 241 -2.69 3.49 -25.87
C GLY A 241 -3.65 3.86 -24.76
N VAL A 242 -3.69 5.17 -24.46
CA VAL A 242 -4.50 5.70 -23.37
C VAL A 242 -5.01 7.09 -23.73
N ILE A 243 -6.08 7.49 -23.04
CA ILE A 243 -6.53 8.87 -22.99
C ILE A 243 -6.32 9.38 -21.57
N TYR A 244 -5.70 10.55 -21.44
CA TYR A 244 -5.50 11.19 -20.14
C TYR A 244 -5.81 12.67 -20.29
N THR A 245 -6.29 13.28 -19.20
CA THR A 245 -6.56 14.71 -19.19
C THR A 245 -5.59 15.38 -18.23
N ASP A 246 -5.38 16.67 -18.43
CA ASP A 246 -4.43 17.42 -17.64
C ASP A 246 -5.17 18.23 -16.59
N SER A 247 -4.43 19.01 -15.80
CA SER A 247 -5.02 19.75 -14.68
C SER A 247 -5.93 20.88 -15.15
N ASP A 248 -5.85 21.30 -16.43
CA ASP A 248 -6.78 22.27 -17.00
C ASP A 248 -8.06 21.62 -17.51
N GLY A 249 -8.06 20.31 -17.69
CA GLY A 249 -9.21 19.61 -18.21
C GLY A 249 -9.06 19.17 -19.65
N ASN A 250 -8.02 19.60 -20.36
CA ASN A 250 -7.86 19.19 -21.76
C ASN A 250 -7.33 17.76 -21.87
N SER A 251 -7.65 17.16 -23.01
CA SER A 251 -7.43 15.77 -23.29
C SER A 251 -6.15 15.56 -24.11
N HIS A 252 -5.59 14.34 -24.04
CA HIS A 252 -4.31 13.99 -24.64
C HIS A 252 -4.31 12.49 -24.91
N GLN A 253 -3.56 12.08 -25.94
CA GLN A 253 -3.46 10.66 -26.29
C GLN A 253 -2.00 10.25 -26.42
N ALA A 254 -1.71 9.03 -25.96
CA ALA A 254 -0.39 8.45 -26.11
C ALA A 254 -0.55 6.97 -26.47
N PHE A 255 0.39 6.45 -27.25
CA PHE A 255 0.25 5.12 -27.80
C PHE A 255 1.52 4.32 -27.54
N VAL A 256 1.40 3.00 -27.62
CA VAL A 256 2.55 2.14 -27.70
C VAL A 256 2.67 1.67 -29.15
N ARG A 257 3.82 1.10 -29.48
CA ARG A 257 4.16 0.73 -30.85
C ARG A 257 4.83 -0.63 -30.82
N GLY A 258 4.82 -1.30 -31.96
CA GLY A 258 5.56 -2.54 -32.14
C GLY A 258 5.17 -3.56 -31.11
N ASN A 259 6.17 -4.13 -30.44
CA ASN A 259 5.93 -5.16 -29.44
C ASN A 259 5.83 -4.57 -28.04
N GLY A 260 5.51 -3.29 -27.92
CA GLY A 260 5.42 -2.65 -26.62
C GLY A 260 4.08 -2.92 -25.92
N GLU A 261 3.93 -2.33 -24.73
CA GLU A 261 2.81 -2.69 -23.88
C GLU A 261 2.38 -1.51 -23.00
N VAL A 262 1.08 -1.51 -22.67
CA VAL A 262 0.54 -0.69 -21.59
C VAL A 262 0.50 -1.55 -20.34
N ILE A 263 0.98 -0.99 -19.22
CA ILE A 263 0.86 -1.64 -17.92
C ILE A 263 0.07 -0.73 -17.00
N VAL A 264 -0.95 -1.30 -16.34
CA VAL A 264 -1.72 -0.57 -15.34
C VAL A 264 -1.07 -0.80 -13.98
N SER A 265 -0.70 0.29 -13.30
CA SER A 265 -0.14 0.25 -11.96
C SER A 265 -0.83 1.27 -11.07
N ALA A 266 -2.16 1.34 -11.18
CA ALA A 266 -2.96 2.38 -10.55
C ALA A 266 -3.48 1.98 -9.17
N GLY A 267 -3.10 0.83 -8.65
CA GLY A 267 -3.45 0.44 -7.30
C GLY A 267 -4.69 -0.44 -7.23
N THR A 268 -4.89 -1.02 -6.04
CA THR A 268 -6.10 -1.76 -5.73
C THR A 268 -7.35 -1.03 -6.17
N ILE A 269 -7.43 0.27 -5.95
CA ILE A 269 -8.64 1.00 -6.31
C ILE A 269 -8.61 1.48 -7.76
N GLY A 270 -7.51 2.09 -8.21
CA GLY A 270 -7.48 2.72 -9.52
C GLY A 270 -7.41 1.75 -10.69
N THR A 271 -6.75 0.60 -10.52
CA THR A 271 -6.64 -0.34 -11.63
C THR A 271 -7.98 -0.95 -12.03
N PRO A 272 -8.75 -1.57 -11.13
CA PRO A 272 -10.09 -2.06 -11.56
C PRO A 272 -11.00 -0.93 -12.04
N GLN A 273 -10.91 0.26 -11.45
CA GLN A 273 -11.70 1.38 -11.93
C GLN A 273 -11.43 1.66 -13.40
N LEU A 274 -10.15 1.76 -13.78
CA LEU A 274 -9.78 2.08 -15.16
C LEU A 274 -10.17 0.95 -16.11
N LEU A 275 -9.92 -0.31 -15.71
CA LEU A 275 -10.31 -1.45 -16.53
C LEU A 275 -11.81 -1.44 -16.83
N LEU A 276 -12.63 -1.17 -15.81
CA LEU A 276 -14.09 -1.12 -16.02
C LEU A 276 -14.45 0.00 -16.98
N LEU A 277 -13.90 1.19 -16.75
CA LEU A 277 -14.23 2.35 -17.58
C LEU A 277 -13.84 2.12 -19.03
N SER A 278 -12.84 1.25 -19.26
CA SER A 278 -12.39 0.88 -20.59
C SER A 278 -13.13 -0.32 -21.17
N GLY A 279 -14.16 -0.82 -20.50
CA GLY A 279 -14.91 -1.95 -21.00
C GLY A 279 -14.29 -3.31 -20.78
N VAL A 280 -13.43 -3.47 -19.76
CA VAL A 280 -12.87 -4.77 -19.37
C VAL A 280 -13.45 -5.12 -18.00
N GLY A 281 -14.36 -6.09 -17.96
CA GLY A 281 -15.07 -6.41 -16.74
C GLY A 281 -16.31 -7.24 -17.01
N PRO A 282 -17.11 -7.44 -15.98
CA PRO A 282 -18.24 -8.40 -16.09
C PRO A 282 -19.24 -7.91 -17.12
N GLU A 283 -19.56 -8.80 -18.06
CA GLU A 283 -20.46 -8.48 -19.17
C GLU A 283 -21.78 -7.90 -18.68
N SER A 284 -22.39 -8.56 -17.68
CA SER A 284 -23.68 -8.10 -17.17
C SER A 284 -23.58 -6.71 -16.55
N TYR A 285 -22.58 -6.50 -15.68
CA TYR A 285 -22.42 -5.21 -15.02
C TYR A 285 -22.17 -4.09 -16.03
N LEU A 286 -21.27 -4.32 -16.99
CA LEU A 286 -20.94 -3.24 -17.93
C LEU A 286 -22.11 -2.94 -18.86
N SER A 287 -22.82 -3.97 -19.31
CA SER A 287 -23.98 -3.74 -20.18
C SER A 287 -25.03 -2.92 -19.47
N SER A 288 -25.29 -3.25 -18.19
CA SER A 288 -26.27 -2.50 -17.40
C SER A 288 -25.89 -1.04 -17.26
N LEU A 289 -24.61 -0.70 -17.39
CA LEU A 289 -24.20 0.69 -17.38
C LEU A 289 -24.09 1.27 -18.79
N ASN A 290 -24.44 0.49 -19.80
CA ASN A 290 -24.24 0.89 -21.20
C ASN A 290 -22.78 1.27 -21.45
N ILE A 291 -21.85 0.53 -20.84
CA ILE A 291 -20.45 0.57 -21.26
C ILE A 291 -20.23 -0.58 -22.23
N THR A 292 -19.71 -0.26 -23.41
CA THR A 292 -19.36 -1.29 -24.39
C THR A 292 -18.33 -2.24 -23.80
N VAL A 293 -18.62 -3.54 -23.88
CA VAL A 293 -17.68 -4.57 -23.45
C VAL A 293 -16.61 -4.74 -24.52
N VAL A 294 -15.35 -4.62 -24.12
CA VAL A 294 -14.23 -4.91 -24.98
C VAL A 294 -13.69 -6.30 -24.72
N GLN A 295 -13.66 -6.69 -23.46
CA GLN A 295 -13.20 -7.99 -22.99
C GLN A 295 -14.04 -8.36 -21.78
N PRO A 296 -14.99 -9.30 -21.90
CA PRO A 296 -15.75 -9.74 -20.72
C PRO A 296 -14.84 -10.56 -19.80
N ASN A 297 -14.90 -10.25 -18.51
CA ASN A 297 -14.20 -11.00 -17.47
C ASN A 297 -14.97 -10.77 -16.18
N PRO A 298 -15.53 -11.82 -15.58
CA PRO A 298 -16.40 -11.62 -14.41
C PRO A 298 -15.69 -11.21 -13.15
N TYR A 299 -14.36 -11.09 -13.14
CA TYR A 299 -13.61 -10.89 -11.90
C TYR A 299 -12.98 -9.52 -11.75
N VAL A 300 -13.06 -8.65 -12.77
CA VAL A 300 -12.52 -7.30 -12.62
C VAL A 300 -13.30 -6.57 -11.53
N GLY A 301 -12.59 -6.11 -10.50
CA GLY A 301 -13.25 -5.46 -9.38
C GLY A 301 -13.72 -6.42 -8.31
N GLN A 302 -13.56 -7.71 -8.51
CA GLN A 302 -13.93 -8.72 -7.53
C GLN A 302 -12.69 -9.16 -6.74
N PHE A 303 -12.95 -9.76 -5.59
CA PHE A 303 -11.90 -10.24 -4.69
C PHE A 303 -10.99 -9.08 -4.27
N VAL A 304 -11.60 -8.11 -3.60
CA VAL A 304 -10.90 -6.95 -3.08
C VAL A 304 -10.87 -7.07 -1.57
N TYR A 305 -9.68 -6.93 -0.97
CA TYR A 305 -9.43 -7.30 0.42
C TYR A 305 -8.85 -6.13 1.21
N ASP A 306 -9.18 -6.05 2.50
CA ASP A 306 -8.56 -5.11 3.43
C ASP A 306 -8.32 -5.81 4.76
N ASN A 307 -7.05 -6.08 5.09
CA ASN A 307 -6.72 -6.69 6.37
C ASN A 307 -7.22 -5.81 7.52
N PRO A 308 -7.97 -6.37 8.48
CA PRO A 308 -8.43 -5.56 9.63
C PRO A 308 -7.27 -5.09 10.52
N ARG A 309 -7.38 -3.86 11.00
CA ARG A 309 -6.58 -3.38 12.13
C ARG A 309 -7.48 -3.33 13.36
N ASN A 310 -7.07 -3.98 14.45
CA ASN A 310 -7.72 -3.81 15.74
C ASN A 310 -6.68 -3.32 16.73
N PHE A 311 -7.12 -2.58 17.76
CA PHE A 311 -6.15 -1.79 18.48
C PHE A 311 -6.65 -1.42 19.87
N ILE A 312 -5.71 -1.05 20.74
CA ILE A 312 -5.99 -0.34 21.97
C ILE A 312 -5.01 0.82 22.08
N ASN A 313 -5.40 1.86 22.83
CA ASN A 313 -4.56 3.03 23.08
C ASN A 313 -4.37 3.19 24.57
N ILE A 314 -3.13 3.28 25.01
CA ILE A 314 -2.85 3.51 26.42
C ILE A 314 -2.24 4.90 26.56
N LEU A 315 -2.60 5.59 27.65
CA LEU A 315 -2.10 6.92 27.95
C LEU A 315 -1.19 6.83 29.18
N PRO A 316 0.13 6.70 29.01
CA PRO A 316 0.98 6.53 30.18
C PRO A 316 0.97 7.78 31.03
N PRO A 317 1.28 7.65 32.32
CA PRO A 317 1.21 8.82 33.20
C PRO A 317 2.40 9.74 33.05
N ASN A 318 3.50 9.26 32.50
CA ASN A 318 4.66 10.06 32.13
C ASN A 318 4.78 10.09 30.60
N PRO A 319 5.30 11.16 30.02
CA PRO A 319 5.34 11.23 28.56
C PRO A 319 6.26 10.16 28.00
N ILE A 320 5.91 9.68 26.80
CA ILE A 320 6.76 8.81 26.01
C ILE A 320 7.13 9.54 24.72
N GLU A 321 8.24 9.10 24.12
CA GLU A 321 8.74 9.69 22.87
C GLU A 321 8.01 9.09 21.68
N ALA A 322 7.60 9.96 20.75
CA ALA A 322 7.07 9.46 19.48
C ALA A 322 8.12 8.59 18.81
N SER A 323 7.64 7.65 17.99
CA SER A 323 8.47 6.67 17.32
C SER A 323 7.76 6.23 16.06
N VAL A 324 8.56 5.85 15.06
CA VAL A 324 8.02 5.14 13.90
C VAL A 324 8.14 3.65 14.16
N VAL A 325 7.21 2.89 13.57
CA VAL A 325 7.13 1.44 13.77
C VAL A 325 8.35 0.79 13.13
N THR A 326 9.09 0.02 13.93
CA THR A 326 10.23 -0.76 13.43
C THR A 326 10.29 -2.16 14.02
N VAL A 327 9.56 -2.46 15.09
CA VAL A 327 9.65 -3.74 15.79
C VAL A 327 8.34 -4.49 15.55
N LEU A 328 8.45 -5.70 15.00
CA LEU A 328 7.29 -6.49 14.61
C LEU A 328 7.19 -7.74 15.49
N GLY A 329 5.96 -8.08 15.89
CA GLY A 329 5.69 -9.36 16.54
C GLY A 329 4.80 -10.23 15.67
N ILE A 330 5.36 -11.31 15.14
CA ILE A 330 4.77 -12.08 14.05
C ILE A 330 4.41 -13.48 14.53
N ARG A 331 3.11 -13.83 14.41
CA ARG A 331 2.63 -15.21 14.40
C ARG A 331 1.92 -15.48 13.08
N SER A 332 1.65 -16.77 12.83
CA SER A 332 0.91 -17.13 11.63
C SER A 332 -0.45 -16.47 11.56
N ASP A 333 -1.11 -16.29 12.71
CA ASP A 333 -2.49 -15.85 12.71
C ASP A 333 -2.68 -14.43 13.22
N TYR A 334 -1.61 -13.67 13.47
CA TYR A 334 -1.72 -12.24 13.75
C TYR A 334 -0.35 -11.59 13.71
N TYR A 335 -0.31 -10.36 13.18
CA TYR A 335 0.90 -9.56 13.14
C TYR A 335 0.66 -8.29 13.95
N GLN A 336 1.59 -7.97 14.86
CA GLN A 336 1.37 -6.92 15.82
C GLN A 336 2.52 -5.91 15.81
N VAL A 337 2.18 -4.65 16.09
CA VAL A 337 3.14 -3.55 16.19
C VAL A 337 2.56 -2.54 17.16
N SER A 338 3.33 -1.49 17.45
CA SER A 338 2.80 -0.35 18.19
C SER A 338 3.58 0.90 17.84
N ALA A 339 2.86 2.01 17.66
CA ALA A 339 3.49 3.32 17.55
C ALA A 339 3.12 4.20 18.76
N SER A 340 4.09 5.02 19.17
CA SER A 340 3.87 6.05 20.16
C SER A 340 3.82 7.38 19.43
N SER A 341 2.91 8.24 19.85
CA SER A 341 2.59 9.44 19.10
C SER A 341 2.32 10.59 20.04
N LEU A 342 2.62 11.80 19.58
CA LEU A 342 2.22 13.02 20.26
C LEU A 342 0.69 13.13 20.24
N PRO A 343 0.12 13.99 21.08
CA PRO A 343 -1.32 14.20 21.05
C PRO A 343 -1.67 15.10 19.87
N PHE A 344 -2.97 15.20 19.58
CA PHE A 344 -3.43 16.04 18.48
C PHE A 344 -4.87 16.42 18.73
N SER A 345 -5.28 17.58 18.21
CA SER A 345 -6.67 18.01 18.28
C SER A 345 -7.38 17.98 16.92
N THR A 346 -6.63 17.80 15.84
CA THR A 346 -7.19 17.43 14.53
C THR A 346 -6.83 15.97 14.29
N PRO A 347 -7.80 15.06 14.13
CA PRO A 347 -7.46 13.65 13.98
C PRO A 347 -6.85 13.34 12.61
N PRO A 348 -5.82 12.50 12.54
CA PRO A 348 -5.38 11.97 11.25
C PRO A 348 -6.46 11.05 10.70
N PHE A 349 -7.04 11.43 9.57
CA PHE A 349 -8.14 10.69 8.98
C PHE A 349 -7.75 9.22 8.76
N SER A 350 -8.61 8.32 9.23
CA SER A 350 -8.54 6.86 9.07
C SER A 350 -7.63 6.19 10.10
N LEU A 351 -6.86 6.95 10.88
CA LEU A 351 -6.17 6.36 12.02
C LEU A 351 -7.19 5.65 12.89
N PHE A 352 -8.28 6.32 13.20
CA PHE A 352 -9.44 5.75 13.83
C PHE A 352 -10.56 5.64 12.80
N PRO A 353 -11.47 4.67 12.96
CA PRO A 353 -12.36 4.32 11.83
C PRO A 353 -13.40 5.38 11.51
N THR A 354 -13.64 6.34 12.40
CA THR A 354 -14.61 7.40 12.11
C THR A 354 -14.13 8.69 12.72
N THR A 355 -14.72 9.80 12.23
CA THR A 355 -14.32 11.11 12.70
C THR A 355 -14.78 11.40 14.12
N SER A 356 -15.79 10.68 14.61
CA SER A 356 -16.28 10.88 15.97
C SER A 356 -15.63 9.84 16.89
N TYR A 357 -14.40 10.14 17.30
CA TYR A 357 -13.58 9.24 18.08
C TYR A 357 -12.79 10.15 19.02
N PRO A 358 -12.67 9.82 20.30
CA PRO A 358 -12.07 10.75 21.26
C PRO A 358 -10.64 11.09 20.90
N LEU A 359 -10.27 12.33 21.18
CA LEU A 359 -8.92 12.79 20.87
C LEU A 359 -8.01 12.66 22.10
N PRO A 360 -6.74 12.31 21.89
CA PRO A 360 -5.81 12.25 23.03
C PRO A 360 -5.32 13.63 23.45
N ASN A 361 -5.28 13.84 24.77
CA ASN A 361 -4.71 15.04 25.38
C ASN A 361 -3.21 14.94 25.59
N SER A 362 -2.65 13.73 25.64
CA SER A 362 -1.26 13.50 26.01
C SER A 362 -0.67 12.43 25.10
N THR A 363 0.62 12.14 25.27
CA THR A 363 1.24 11.12 24.43
C THR A 363 0.56 9.79 24.65
N PHE A 364 0.49 8.99 23.59
CA PHE A 364 -0.21 7.72 23.67
C PHE A 364 0.53 6.68 22.86
N ALA A 365 0.28 5.42 23.18
CA ALA A 365 0.79 4.31 22.41
C ALA A 365 -0.39 3.65 21.75
N HIS A 366 -0.32 3.50 20.42
CA HIS A 366 -1.30 2.76 19.62
C HIS A 366 -0.76 1.35 19.46
N ILE A 367 -1.42 0.36 20.08
CA ILE A 367 -0.98 -1.03 20.08
C ILE A 367 -1.95 -1.83 19.24
N VAL A 368 -1.41 -2.58 18.28
CA VAL A 368 -2.18 -2.95 17.09
C VAL A 368 -1.96 -4.42 16.74
N SER A 369 -2.99 -5.05 16.18
CA SER A 369 -2.93 -6.41 15.65
C SER A 369 -3.56 -6.46 14.27
N GLN A 370 -2.94 -7.20 13.34
CA GLN A 370 -3.41 -7.35 11.97
C GLN A 370 -3.85 -8.79 11.70
N VAL A 371 -5.07 -8.96 11.20
CA VAL A 371 -5.56 -10.25 10.74
C VAL A 371 -4.91 -10.59 9.41
N PRO A 372 -4.24 -11.73 9.27
CA PRO A 372 -3.66 -12.11 7.98
C PRO A 372 -4.72 -12.56 6.99
N GLY A 373 -4.34 -12.58 5.72
CA GLY A 373 -5.25 -12.84 4.62
C GLY A 373 -5.65 -11.56 3.93
N PRO A 374 -6.87 -11.08 4.21
CA PRO A 374 -7.81 -11.81 5.05
C PRO A 374 -8.60 -12.76 4.18
N LEU A 375 -9.52 -13.50 4.76
CA LEU A 375 -10.38 -14.36 3.96
C LEU A 375 -11.63 -13.65 3.49
N SER A 376 -12.10 -12.66 4.25
CA SER A 376 -13.26 -11.87 3.84
C SER A 376 -12.88 -10.99 2.66
N HIS A 377 -13.79 -10.86 1.70
CA HIS A 377 -13.52 -10.02 0.55
C HIS A 377 -14.77 -9.27 0.13
N GLY A 378 -14.56 -8.23 -0.68
CA GLY A 378 -15.63 -7.45 -1.25
C GLY A 378 -15.28 -7.07 -2.68
N SER A 379 -15.65 -5.87 -3.12
CA SER A 379 -15.49 -5.53 -4.52
C SER A 379 -15.36 -4.02 -4.71
N VAL A 380 -14.89 -3.64 -5.90
CA VAL A 380 -14.85 -2.27 -6.39
C VAL A 380 -15.85 -2.14 -7.54
N THR A 381 -16.70 -1.10 -7.50
CA THR A 381 -17.67 -0.82 -8.56
C THR A 381 -17.59 0.66 -8.92
N LEU A 382 -18.02 0.99 -10.14
CA LEU A 382 -17.94 2.38 -10.58
C LEU A 382 -19.03 3.21 -9.91
N ASN A 383 -18.67 4.45 -9.59
CA ASN A 383 -19.63 5.45 -9.15
C ASN A 383 -20.10 6.28 -10.35
N SER A 384 -19.15 6.84 -11.09
CA SER A 384 -19.39 7.43 -12.39
C SER A 384 -18.96 6.45 -13.46
N SER A 385 -19.79 6.30 -14.50
CA SER A 385 -19.42 5.44 -15.61
C SER A 385 -18.54 6.14 -16.64
N SER A 386 -18.15 7.41 -16.40
CA SER A 386 -17.35 8.13 -17.36
C SER A 386 -16.17 8.91 -16.75
N ASP A 387 -16.25 9.28 -15.46
CA ASP A 387 -15.31 10.24 -14.89
C ASP A 387 -14.35 9.53 -13.92
N VAL A 388 -13.07 9.41 -14.31
CA VAL A 388 -12.10 8.71 -13.48
C VAL A 388 -11.77 9.49 -12.20
N ARG A 389 -12.00 10.81 -12.15
CA ARG A 389 -11.67 11.56 -10.92
C ARG A 389 -12.70 11.35 -9.82
N ILE A 390 -13.87 10.81 -10.14
CA ILE A 390 -14.86 10.45 -9.13
C ILE A 390 -14.52 9.07 -8.59
N ALA A 391 -14.43 8.96 -7.27
CA ALA A 391 -13.92 7.74 -6.66
C ALA A 391 -14.92 6.59 -6.82
N PRO A 392 -14.44 5.37 -7.07
CA PRO A 392 -15.34 4.21 -7.12
C PRO A 392 -15.88 3.84 -5.73
N ASN A 393 -16.97 3.09 -5.73
CA ASN A 393 -17.46 2.49 -4.50
C ASN A 393 -16.57 1.30 -4.17
N ILE A 394 -16.28 1.10 -2.90
CA ILE A 394 -15.52 -0.05 -2.48
C ILE A 394 -16.10 -0.60 -1.19
N LYS A 395 -16.16 -1.91 -1.09
CA LYS A 395 -16.63 -2.61 0.09
C LYS A 395 -15.68 -3.76 0.40
N PHE A 396 -15.36 -3.93 1.67
CA PHE A 396 -14.43 -4.97 2.10
C PHE A 396 -15.08 -6.10 2.88
N ASN A 397 -16.31 -5.90 3.41
CA ASN A 397 -17.03 -6.94 4.15
C ASN A 397 -16.20 -7.51 5.30
N TYR A 398 -15.52 -6.62 6.04
CA TYR A 398 -14.77 -7.03 7.23
C TYR A 398 -15.52 -8.08 8.02
N TYR A 399 -14.83 -9.16 8.38
CA TYR A 399 -15.33 -10.17 9.32
C TYR A 399 -16.58 -10.88 8.82
N SER A 400 -16.77 -10.93 7.50
CA SER A 400 -17.85 -11.74 6.95
C SER A 400 -17.48 -13.22 6.95
N ASN A 401 -16.18 -13.51 7.01
CA ASN A 401 -15.65 -14.86 7.10
C ASN A 401 -15.21 -15.10 8.54
N SER A 402 -15.73 -16.17 9.15
CA SER A 402 -15.56 -16.37 10.60
C SER A 402 -14.13 -16.71 10.96
N THR A 403 -13.34 -17.28 10.04
CA THR A 403 -11.93 -17.53 10.33
C THR A 403 -11.18 -16.23 10.64
N ASP A 404 -11.51 -15.14 9.92
CA ASP A 404 -10.91 -13.84 10.22
C ASP A 404 -11.25 -13.39 11.63
N LEU A 405 -12.52 -13.54 12.04
CA LEU A 405 -12.92 -13.18 13.40
C LEU A 405 -12.14 -13.98 14.43
N ALA A 406 -12.06 -15.31 14.25
CA ALA A 406 -11.34 -16.15 15.19
C ALA A 406 -9.89 -15.72 15.31
N ASN A 407 -9.28 -15.26 14.20
CA ASN A 407 -7.90 -14.80 14.28
C ASN A 407 -7.80 -13.44 15.00
N CYS A 408 -8.78 -12.56 14.82
CA CYS A 408 -8.77 -11.31 15.60
C CYS A 408 -8.89 -11.60 17.08
N VAL A 409 -9.76 -12.55 17.44
CA VAL A 409 -9.87 -12.99 18.83
C VAL A 409 -8.51 -13.41 19.38
N SER A 410 -7.81 -14.31 18.67
CA SER A 410 -6.49 -14.74 19.13
C SER A 410 -5.55 -13.55 19.28
N GLY A 411 -5.53 -12.65 18.27
CA GLY A 411 -4.64 -11.49 18.35
C GLY A 411 -4.95 -10.59 19.53
N MET A 412 -6.24 -10.36 19.81
CA MET A 412 -6.66 -9.50 20.91
C MET A 412 -6.26 -10.08 22.26
N LYS A 413 -6.42 -11.41 22.44
CA LYS A 413 -5.92 -12.08 23.63
C LYS A 413 -4.42 -11.90 23.77
N LYS A 414 -3.69 -11.91 22.65
CA LYS A 414 -2.24 -11.73 22.72
C LYS A 414 -1.86 -10.32 23.17
N LEU A 415 -2.57 -9.30 22.68
CA LEU A 415 -2.35 -7.95 23.17
C LEU A 415 -2.66 -7.86 24.67
N GLY A 416 -3.64 -8.63 25.14
CA GLY A 416 -3.85 -8.76 26.58
C GLY A 416 -2.63 -9.27 27.31
N ASP A 417 -1.99 -10.32 26.77
CA ASP A 417 -0.76 -10.81 27.37
C ASP A 417 0.30 -9.73 27.36
N LEU A 418 0.36 -8.96 26.26
CA LEU A 418 1.39 -7.93 26.14
C LEU A 418 1.18 -6.84 27.20
N LEU A 419 -0.07 -6.48 27.47
CA LEU A 419 -0.35 -5.49 28.50
C LEU A 419 0.02 -6.01 29.89
N ARG A 420 0.20 -7.33 30.04
CA ARG A 420 0.48 -7.92 31.35
C ARG A 420 1.96 -8.09 31.63
N THR A 421 2.83 -7.75 30.68
CA THR A 421 4.26 -7.96 30.82
C THR A 421 4.89 -6.91 31.74
N LYS A 422 6.04 -7.27 32.32
CA LYS A 422 6.83 -6.32 33.08
C LYS A 422 7.26 -5.14 32.21
N ALA A 423 7.63 -5.41 30.96
CA ALA A 423 8.09 -4.35 30.06
C ALA A 423 7.10 -3.20 29.99
N LEU A 424 5.80 -3.49 30.08
CA LEU A 424 4.75 -2.49 29.96
C LEU A 424 4.27 -1.94 31.30
N GLU A 425 4.59 -2.64 32.40
CA GLU A 425 4.16 -2.19 33.73
C GLU A 425 4.48 -0.73 34.01
N PRO A 426 5.65 -0.19 33.64
CA PRO A 426 5.94 1.23 33.92
C PRO A 426 4.99 2.22 33.27
N TYR A 427 4.10 1.78 32.39
CA TYR A 427 3.24 2.69 31.66
C TYR A 427 1.80 2.63 32.14
N LYS A 428 1.56 1.98 33.27
CA LYS A 428 0.25 1.99 33.91
C LYS A 428 0.09 3.25 34.76
N ALA A 429 -1.14 3.77 34.81
CA ALA A 429 -1.43 4.90 35.68
C ALA A 429 -1.50 4.46 37.15
N ARG A 430 -2.11 3.30 37.42
CA ARG A 430 -2.27 2.77 38.78
C ARG A 430 -1.49 1.46 38.91
N ASP A 431 -0.73 1.32 39.99
CA ASP A 431 0.11 0.15 40.23
C ASP A 431 -0.72 -1.02 40.78
N VAL A 432 -1.75 -1.38 40.04
CA VAL A 432 -2.64 -2.46 40.45
C VAL A 432 -2.26 -3.74 39.71
N LEU A 433 -2.91 -4.85 40.06
CA LEU A 433 -2.48 -6.13 39.51
C LEU A 433 -2.94 -6.28 38.06
N GLY A 434 -4.13 -5.78 37.71
CA GLY A 434 -4.72 -6.05 36.41
C GLY A 434 -4.38 -5.00 35.35
N ILE A 435 -4.91 -5.23 34.14
CA ILE A 435 -4.67 -4.26 33.08
C ILE A 435 -5.63 -3.08 33.13
N ASP A 436 -6.65 -3.10 33.99
CA ASP A 436 -7.39 -1.86 34.20
C ASP A 436 -6.54 -0.80 34.92
N GLY A 437 -5.30 -1.14 35.29
CA GLY A 437 -4.37 -0.12 35.78
C GLY A 437 -3.87 0.86 34.71
N PHE A 438 -4.07 0.54 33.43
CA PHE A 438 -3.74 1.48 32.36
C PHE A 438 -4.87 2.48 32.17
N ASN A 439 -4.53 3.70 31.75
CA ASN A 439 -5.52 4.63 31.21
C ASN A 439 -5.63 4.42 29.71
N TYR A 440 -6.85 4.29 29.22
CA TYR A 440 -7.13 3.97 27.83
C TYR A 440 -7.78 5.15 27.12
N LEU A 441 -7.37 5.39 25.89
CA LEU A 441 -8.14 6.21 24.95
C LEU A 441 -8.98 5.27 24.09
N GLY A 442 -10.29 5.46 24.11
CA GLY A 442 -11.18 4.58 23.38
C GLY A 442 -11.53 3.34 24.20
N VAL A 443 -11.96 2.29 23.50
CA VAL A 443 -12.48 1.11 24.17
C VAL A 443 -11.31 0.25 24.64
N PRO A 444 -11.29 -0.18 25.90
CA PRO A 444 -10.25 -1.11 26.34
C PRO A 444 -10.61 -2.54 25.95
N LEU A 445 -9.66 -3.45 26.14
CA LEU A 445 -9.97 -4.87 25.98
C LEU A 445 -10.99 -5.28 27.03
N PRO A 446 -11.92 -6.19 26.70
CA PRO A 446 -12.97 -6.58 27.64
C PRO A 446 -12.45 -7.10 28.99
N ASP A 451 -13.67 -16.01 28.33
CA ASP A 451 -14.84 -15.85 27.48
C ASP A 451 -14.42 -15.86 25.99
N ASP A 452 -15.39 -15.64 25.10
CA ASP A 452 -15.15 -15.55 23.66
C ASP A 452 -16.06 -14.49 23.04
N ALA A 453 -17.33 -14.46 23.45
CA ALA A 453 -18.31 -13.64 22.77
C ALA A 453 -17.99 -12.15 22.88
N SER A 454 -17.30 -11.73 23.94
CA SER A 454 -17.04 -10.31 24.11
C SER A 454 -15.83 -9.86 23.31
N PHE A 455 -14.89 -10.78 23.04
CA PHE A 455 -13.79 -10.46 22.14
C PHE A 455 -14.26 -10.39 20.70
N GLU A 456 -15.29 -11.18 20.36
CA GLU A 456 -15.86 -11.12 19.03
C GLU A 456 -16.52 -9.77 18.82
N THR A 457 -17.26 -9.31 19.83
CA THR A 457 -17.95 -8.03 19.76
C THR A 457 -16.96 -6.86 19.76
N PHE A 458 -15.88 -7.00 20.51
CA PHE A 458 -14.82 -6.00 20.45
C PHE A 458 -14.23 -5.95 19.05
N CYS A 459 -13.97 -7.12 18.45
CA CYS A 459 -13.35 -7.14 17.13
C CYS A 459 -14.26 -6.51 16.11
N LEU A 460 -15.56 -6.82 16.15
CA LEU A 460 -16.49 -6.35 15.12
C LEU A 460 -16.75 -4.86 15.26
N ASP A 461 -16.89 -4.35 16.48
CA ASP A 461 -17.29 -2.97 16.70
C ASP A 461 -16.15 -1.97 16.59
N ASN A 462 -14.90 -2.39 16.75
CA ASN A 462 -13.83 -1.42 16.85
C ASN A 462 -12.78 -1.59 15.76
N VAL A 463 -13.15 -2.21 14.64
CA VAL A 463 -12.20 -2.48 13.57
C VAL A 463 -11.90 -1.20 12.78
N ALA A 464 -10.64 -1.07 12.35
CA ALA A 464 -10.18 -0.06 11.42
C ALA A 464 -9.44 -0.75 10.26
N SER A 465 -9.07 0.04 9.25
CA SER A 465 -8.26 -0.47 8.15
C SER A 465 -6.80 -0.48 8.55
N TYR A 466 -6.08 -1.55 8.17
CA TYR A 466 -4.64 -1.51 8.28
C TYR A 466 -3.99 -0.77 7.11
N TRP A 467 -4.77 -0.39 6.09
CA TRP A 467 -4.32 0.34 4.92
C TRP A 467 -3.61 -0.59 3.93
N HIS A 468 -3.57 -1.89 4.20
CA HIS A 468 -2.87 -2.83 3.33
C HIS A 468 -3.84 -3.51 2.38
N TYR A 469 -4.80 -2.77 1.80
CA TYR A 469 -5.80 -3.39 0.93
C TYR A 469 -5.15 -3.82 -0.38
N HIS A 470 -5.72 -4.87 -0.98
CA HIS A 470 -5.18 -5.49 -2.19
C HIS A 470 -6.30 -6.20 -2.93
N GLY A 471 -6.01 -6.63 -4.17
CA GLY A 471 -6.96 -7.40 -4.96
C GLY A 471 -7.72 -6.57 -5.97
N GLY A 472 -8.74 -7.20 -6.57
CA GLY A 472 -9.54 -6.58 -7.59
C GLY A 472 -9.10 -6.85 -9.01
N SER A 473 -7.88 -7.36 -9.21
CA SER A 473 -7.40 -7.75 -10.54
C SER A 473 -6.49 -8.98 -10.42
N LEU A 474 -7.01 -10.07 -9.86
CA LEU A 474 -6.16 -11.16 -9.37
C LEU A 474 -5.47 -11.91 -10.50
N VAL A 475 -4.19 -12.26 -10.26
CA VAL A 475 -3.54 -13.35 -10.98
C VAL A 475 -4.41 -14.60 -10.83
N GLY A 476 -4.69 -15.27 -11.96
CA GLY A 476 -5.57 -16.44 -11.98
C GLY A 476 -7.05 -16.13 -12.16
N LYS A 477 -7.45 -14.86 -12.11
CA LYS A 477 -8.83 -14.43 -12.34
C LYS A 477 -8.90 -13.42 -13.49
N VAL A 478 -8.15 -12.32 -13.38
CA VAL A 478 -7.99 -11.37 -14.47
C VAL A 478 -6.68 -11.59 -15.22
N LEU A 479 -5.60 -11.95 -14.52
CA LEU A 479 -4.28 -12.01 -15.13
C LEU A 479 -3.75 -13.46 -15.19
N ASP A 480 -2.85 -13.71 -16.13
CA ASP A 480 -2.11 -14.97 -16.14
C ASP A 480 -0.87 -14.83 -15.26
N ASP A 481 -0.06 -15.90 -15.23
CA ASP A 481 1.14 -15.92 -14.40
C ASP A 481 2.18 -14.87 -14.81
N SER A 482 2.04 -14.25 -15.99
CA SER A 482 2.95 -13.18 -16.37
C SER A 482 2.35 -11.80 -16.18
N PHE A 483 1.23 -11.70 -15.48
CA PHE A 483 0.57 -10.43 -15.20
C PHE A 483 -0.07 -9.82 -16.44
N ARG A 484 -0.28 -10.64 -17.48
CA ARG A 484 -1.03 -10.23 -18.67
C ARG A 484 -2.53 -10.34 -18.43
N VAL A 485 -3.27 -9.33 -18.86
CA VAL A 485 -4.73 -9.39 -18.84
C VAL A 485 -5.17 -10.43 -19.85
N MET A 486 -5.86 -11.47 -19.39
CA MET A 486 -6.23 -12.59 -20.24
C MET A 486 -7.18 -12.14 -21.34
N GLY A 487 -6.88 -12.55 -22.57
CA GLY A 487 -7.70 -12.21 -23.72
C GLY A 487 -7.24 -10.98 -24.47
N ILE A 488 -6.33 -10.20 -23.89
CA ILE A 488 -5.91 -8.92 -24.46
C ILE A 488 -4.40 -8.93 -24.59
N LYS A 489 -3.92 -8.60 -25.80
CA LYS A 489 -2.48 -8.43 -26.01
C LYS A 489 -2.03 -7.03 -25.57
N ALA A 490 -0.77 -6.97 -25.14
CA ALA A 490 -0.08 -5.71 -24.87
C ALA A 490 -0.68 -4.95 -23.69
N LEU A 491 -1.28 -5.66 -22.73
CA LEU A 491 -1.86 -5.05 -21.54
C LEU A 491 -1.48 -5.87 -20.30
N ARG A 492 -0.83 -5.23 -19.32
CA ARG A 492 -0.50 -5.91 -18.07
C ARG A 492 -0.90 -5.04 -16.89
N VAL A 493 -0.90 -5.66 -15.72
CA VAL A 493 -1.25 -5.03 -14.46
C VAL A 493 -0.21 -5.43 -13.42
N VAL A 494 0.41 -4.45 -12.77
CA VAL A 494 1.42 -4.70 -11.75
C VAL A 494 1.25 -3.67 -10.62
N ASP A 495 0.82 -4.15 -9.46
CA ASP A 495 0.57 -3.33 -8.28
C ASP A 495 -0.16 -4.23 -7.28
N ALA A 496 -0.72 -3.67 -6.20
CA ALA A 496 -1.32 -4.52 -5.17
C ALA A 496 -2.69 -5.05 -5.55
N SER A 497 -3.24 -4.75 -6.74
CA SER A 497 -4.49 -5.39 -7.12
C SER A 497 -4.34 -6.86 -7.50
N THR A 498 -3.12 -7.40 -7.47
CA THR A 498 -2.86 -8.64 -8.18
C THR A 498 -2.89 -9.89 -7.31
N PHE A 499 -2.83 -9.78 -5.98
CA PHE A 499 -2.79 -10.98 -5.16
C PHE A 499 -3.90 -10.97 -4.12
N PRO A 500 -4.49 -12.13 -3.81
CA PRO A 500 -5.62 -12.14 -2.88
C PRO A 500 -5.22 -12.23 -1.42
N TYR A 501 -3.94 -12.39 -1.10
CA TYR A 501 -3.49 -12.48 0.29
C TYR A 501 -2.21 -11.68 0.45
N GLU A 502 -2.01 -11.14 1.64
CA GLU A 502 -0.84 -10.32 1.88
C GLU A 502 0.43 -11.17 1.79
N PRO A 503 1.50 -10.67 1.17
CA PRO A 503 2.76 -11.42 1.16
C PRO A 503 3.49 -11.43 2.50
N ASN A 504 3.11 -10.57 3.43
CA ASN A 504 3.76 -10.42 4.74
C ASN A 504 2.93 -9.40 5.52
N SER A 505 3.43 -8.95 6.67
CA SER A 505 2.68 -7.97 7.44
C SER A 505 2.72 -6.57 6.79
N HIS A 506 3.69 -6.30 5.93
CA HIS A 506 3.96 -4.94 5.47
C HIS A 506 4.44 -5.03 4.03
N PRO A 507 3.54 -4.80 3.08
CA PRO A 507 3.76 -5.27 1.70
C PRO A 507 4.44 -4.30 0.74
N GLN A 508 4.84 -3.07 1.15
CA GLN A 508 5.50 -2.18 0.20
C GLN A 508 6.77 -2.82 -0.35
N GLY A 509 7.55 -3.49 0.51
CA GLY A 509 8.74 -4.18 0.02
C GLY A 509 8.44 -5.11 -1.14
N PHE A 510 7.39 -5.94 -0.99
CA PHE A 510 7.05 -6.88 -2.05
C PHE A 510 6.64 -6.17 -3.34
N TYR A 511 5.91 -5.06 -3.23
CA TYR A 511 5.38 -4.42 -4.42
C TYR A 511 6.41 -3.51 -5.10
N LEU A 512 7.33 -2.94 -4.32
CA LEU A 512 8.51 -2.28 -4.89
C LEU A 512 9.31 -3.27 -5.71
N MET A 513 9.61 -4.43 -5.11
CA MET A 513 10.32 -5.51 -5.80
C MET A 513 9.56 -5.93 -7.05
N LEU A 514 8.25 -6.13 -6.93
CA LEU A 514 7.47 -6.68 -8.04
C LEU A 514 7.49 -5.76 -9.26
N GLY A 515 7.50 -4.45 -9.05
CA GLY A 515 7.61 -3.52 -10.17
C GLY A 515 8.82 -3.81 -11.04
N ARG A 516 10.01 -3.86 -10.43
CA ARG A 516 11.24 -4.14 -11.18
C ARG A 516 11.23 -5.56 -11.74
N TYR A 517 10.78 -6.53 -10.93
CA TYR A 517 10.81 -7.93 -11.36
C TYR A 517 10.05 -8.12 -12.66
N VAL A 518 8.82 -7.61 -12.70
CA VAL A 518 7.99 -7.81 -13.89
C VAL A 518 8.58 -7.04 -15.07
N GLY A 519 9.12 -5.85 -14.79
CA GLY A 519 9.86 -5.14 -15.82
C GLY A 519 10.97 -5.97 -16.43
N LEU A 520 11.73 -6.68 -15.59
CA LEU A 520 12.80 -7.54 -16.08
C LEU A 520 12.24 -8.72 -16.88
N GLN A 521 11.09 -9.26 -16.47
CA GLN A 521 10.48 -10.36 -17.21
C GLN A 521 10.00 -9.90 -18.58
N ILE A 522 9.48 -8.66 -18.69
CA ILE A 522 9.11 -8.09 -19.99
C ILE A 522 10.33 -7.90 -20.88
N LEU A 523 11.40 -7.35 -20.31
CA LEU A 523 12.63 -7.21 -21.08
C LEU A 523 13.14 -8.57 -21.56
N GLN A 524 13.06 -9.60 -20.70
CA GLN A 524 13.56 -10.92 -21.08
C GLN A 524 12.73 -11.52 -22.21
N GLU A 525 11.41 -11.52 -22.04
CA GLU A 525 10.53 -12.10 -23.05
C GLU A 525 10.82 -11.49 -24.40
N ARG A 526 10.90 -10.16 -24.44
CA ARG A 526 11.08 -9.45 -25.68
C ARG A 526 12.41 -9.81 -26.35
N SER A 527 13.49 -9.79 -25.58
CA SER A 527 14.79 -10.16 -26.07
C SER A 527 14.77 -11.62 -26.55
#